data_5LU2
#
_entry.id   5LU2
#
_cell.length_a   90.060
_cell.length_b   78.980
_cell.length_c   75.360
_cell.angle_alpha   90.000
_cell.angle_beta   102.470
_cell.angle_gamma   90.000
#
_symmetry.space_group_name_H-M   'C 1 2 1'
#
loop_
_entity.id
_entity.type
_entity.pdbx_description
1 polymer '14-3-3 protein sigma'
2 polymer 'Heat shock protein beta-6'
3 water water
#
loop_
_entity_poly.entity_id
_entity_poly.type
_entity_poly.pdbx_seq_one_letter_code
_entity_poly.pdbx_strand_id
1 'polypeptide(L)'
;MERASLIQKAKLAEQAERYEDMAAFMKGAVEKGEELSCEERNLLSVAYKNVVGGQRAAWRVLSSIEQKSNEEGSEEKGPE
VREYREKVETELQGVCDTVLGLLDSHLIKEAGDAESRVFYLKMKGDYYRYLAEVATGDDKKRIIDSARSAYQEAMDISKK
EMPPTNPIRLGLALNFSVFHYEIANSPEEAISLAKTTFDEAMADLHTLSEDSYKDSTLIMQLLRDNLTLWT
;
A,B
2 'polypeptide(L)' WLRRA(SEP)APLPGLK C,D
#
# COMPACT_ATOMS: atom_id res chain seq x y z
N GLU A 2 -12.82 7.47 -23.07
CA GLU A 2 -12.13 6.79 -24.16
C GLU A 2 -11.20 5.69 -23.64
N ARG A 3 -11.08 4.60 -24.42
CA ARG A 3 -10.24 3.42 -24.17
C ARG A 3 -8.75 3.71 -24.00
N ALA A 4 -8.18 4.57 -24.87
CA ALA A 4 -6.76 4.96 -24.84
C ALA A 4 -6.47 5.75 -23.56
N SER A 5 -7.45 6.59 -23.14
CA SER A 5 -7.43 7.43 -21.95
C SER A 5 -7.43 6.62 -20.65
N LEU A 6 -8.12 5.47 -20.64
CA LEU A 6 -8.18 4.51 -19.53
C LEU A 6 -6.86 3.72 -19.43
N ILE A 7 -6.26 3.34 -20.57
CA ILE A 7 -4.96 2.65 -20.66
C ILE A 7 -3.85 3.60 -20.20
N GLN A 8 -3.95 4.91 -20.57
CA GLN A 8 -2.99 5.93 -20.17
C GLN A 8 -3.01 6.20 -18.67
N LYS A 9 -4.19 6.42 -18.08
CA LYS A 9 -4.40 6.61 -16.62
C LYS A 9 -4.00 5.41 -15.80
N ALA A 10 -4.01 4.20 -16.41
CA ALA A 10 -3.61 2.89 -15.85
C ALA A 10 -2.10 2.75 -15.81
N LYS A 11 -1.39 3.32 -16.79
CA LYS A 11 0.06 3.33 -16.84
C LYS A 11 0.55 4.32 -15.79
N LEU A 12 -0.18 5.46 -15.64
CA LEU A 12 0.07 6.53 -14.66
C LEU A 12 -0.16 6.03 -13.24
N ALA A 13 -1.24 5.25 -13.02
CA ALA A 13 -1.61 4.64 -11.74
C ALA A 13 -0.58 3.60 -11.27
N GLU A 14 0.14 3.00 -12.20
CA GLU A 14 1.16 2.00 -11.92
C GLU A 14 2.38 2.72 -11.37
N GLN A 15 2.76 3.83 -12.05
CA GLN A 15 3.89 4.70 -11.70
C GLN A 15 3.75 5.29 -10.28
N ALA A 16 2.51 5.67 -9.88
CA ALA A 16 2.16 6.27 -8.59
C ALA A 16 1.86 5.22 -7.53
N GLU A 17 1.89 3.91 -7.93
CA GLU A 17 1.65 2.65 -7.19
C GLU A 17 0.23 2.57 -6.59
N ARG A 18 -0.75 3.05 -7.36
CA ARG A 18 -2.17 3.15 -7.07
C ARG A 18 -2.76 2.03 -7.88
N TYR A 19 -2.63 0.79 -7.37
CA TYR A 19 -3.05 -0.43 -8.05
C TYR A 19 -4.55 -0.66 -8.08
N GLU A 20 -5.34 -0.13 -7.10
CA GLU A 20 -6.80 -0.26 -7.12
C GLU A 20 -7.37 0.70 -8.17
N ASP A 21 -6.69 1.83 -8.38
CA ASP A 21 -7.06 2.81 -9.38
C ASP A 21 -6.77 2.20 -10.75
N MET A 22 -5.55 1.61 -10.88
CA MET A 22 -5.05 0.90 -12.05
C MET A 22 -6.03 -0.18 -12.49
N ALA A 23 -6.47 -1.01 -11.49
CA ALA A 23 -7.43 -2.10 -11.58
C ALA A 23 -8.73 -1.60 -12.23
N ALA A 24 -9.31 -0.52 -11.69
CA ALA A 24 -10.53 0.16 -12.17
C ALA A 24 -10.40 0.68 -13.63
N PHE A 25 -9.24 1.28 -13.97
CA PHE A 25 -8.91 1.79 -15.31
C PHE A 25 -8.76 0.65 -16.34
N MET A 26 -8.21 -0.51 -15.90
CA MET A 26 -8.03 -1.72 -16.70
C MET A 26 -9.34 -2.45 -16.93
N LYS A 27 -10.16 -2.62 -15.88
CA LYS A 27 -11.47 -3.25 -15.96
C LYS A 27 -12.31 -2.47 -16.99
N GLY A 28 -12.29 -1.14 -16.89
CA GLY A 28 -12.97 -0.24 -17.82
C GLY A 28 -12.47 -0.34 -19.25
N ALA A 29 -11.15 -0.61 -19.42
CA ALA A 29 -10.49 -0.77 -20.73
C ALA A 29 -10.92 -2.10 -21.36
N VAL A 30 -11.01 -3.17 -20.51
CA VAL A 30 -11.44 -4.52 -20.87
C VAL A 30 -12.91 -4.46 -21.30
N GLU A 31 -13.79 -3.86 -20.44
CA GLU A 31 -15.23 -3.64 -20.65
C GLU A 31 -15.60 -2.99 -21.99
N LYS A 32 -14.65 -2.22 -22.62
CA LYS A 32 -14.83 -1.60 -23.94
C LYS A 32 -15.13 -2.64 -25.05
N GLY A 33 -14.80 -3.90 -24.75
CA GLY A 33 -15.04 -5.07 -25.61
C GLY A 33 -13.85 -5.49 -26.45
N GLU A 34 -12.89 -4.56 -26.66
CA GLU A 34 -11.72 -4.81 -27.50
C GLU A 34 -10.70 -5.76 -26.84
N GLU A 35 -9.87 -6.40 -27.71
CA GLU A 35 -8.79 -7.33 -27.37
C GLU A 35 -7.61 -6.56 -26.77
N LEU A 36 -6.83 -7.24 -25.91
CA LEU A 36 -5.67 -6.62 -25.27
C LEU A 36 -4.41 -6.99 -25.99
N SER A 37 -3.45 -6.07 -26.03
CA SER A 37 -2.11 -6.35 -26.55
C SER A 37 -1.29 -6.97 -25.39
N CYS A 38 -0.03 -7.35 -25.64
CA CYS A 38 0.85 -7.94 -24.61
C CYS A 38 0.97 -7.01 -23.39
N GLU A 39 1.11 -5.69 -23.67
CA GLU A 39 1.24 -4.56 -22.75
C GLU A 39 0.01 -4.45 -21.84
N GLU A 40 -1.20 -4.32 -22.43
CA GLU A 40 -2.50 -4.20 -21.76
C GLU A 40 -2.78 -5.39 -20.82
N ARG A 41 -2.48 -6.60 -21.27
CA ARG A 41 -2.62 -7.85 -20.52
C ARG A 41 -1.76 -7.82 -19.24
N ASN A 42 -0.52 -7.29 -19.40
CA ASN A 42 0.45 -7.14 -18.32
C ASN A 42 -0.02 -6.12 -17.31
N LEU A 43 -0.64 -5.00 -17.78
CA LEU A 43 -1.17 -3.94 -16.93
C LEU A 43 -2.34 -4.52 -16.13
N LEU A 44 -3.19 -5.36 -16.77
CA LEU A 44 -4.35 -6.01 -16.15
C LEU A 44 -3.91 -6.98 -15.02
N SER A 45 -2.86 -7.74 -15.31
CA SER A 45 -2.20 -8.70 -14.44
C SER A 45 -1.64 -7.96 -13.22
N VAL A 46 -0.73 -6.98 -13.43
CA VAL A 46 -0.03 -6.17 -12.40
C VAL A 46 -1.01 -5.47 -11.45
N ALA A 47 -2.04 -4.81 -12.00
CA ALA A 47 -3.10 -4.14 -11.29
C ALA A 47 -3.73 -5.06 -10.22
N TYR A 48 -4.39 -6.13 -10.66
CA TYR A 48 -5.10 -7.10 -9.87
C TYR A 48 -4.23 -7.98 -8.99
N LYS A 49 -3.03 -8.38 -9.47
CA LYS A 49 -2.12 -9.21 -8.67
C LYS A 49 -1.58 -8.42 -7.50
N ASN A 50 -1.50 -7.11 -7.66
CA ASN A 50 -1.07 -6.25 -6.59
C ASN A 50 -2.21 -6.03 -5.61
N VAL A 51 -3.45 -5.78 -6.11
CA VAL A 51 -4.67 -5.57 -5.31
C VAL A 51 -4.89 -6.79 -4.42
N VAL A 52 -4.95 -7.98 -5.04
CA VAL A 52 -5.25 -9.23 -4.39
C VAL A 52 -4.09 -9.75 -3.52
N GLY A 53 -2.86 -9.38 -3.86
CA GLY A 53 -1.67 -9.76 -3.11
C GLY A 53 -1.66 -9.12 -1.74
N GLY A 54 -2.06 -7.86 -1.69
CA GLY A 54 -2.19 -7.07 -0.47
C GLY A 54 -3.35 -7.53 0.40
N GLN A 55 -4.40 -8.11 -0.20
CA GLN A 55 -5.57 -8.64 0.48
C GLN A 55 -5.26 -10.03 1.05
N ARG A 56 -4.38 -10.79 0.36
CA ARG A 56 -3.97 -12.13 0.75
C ARG A 56 -3.05 -12.04 1.95
N ALA A 57 -2.02 -11.14 1.89
CA ALA A 57 -1.05 -10.86 2.96
C ALA A 57 -1.75 -10.36 4.22
N ALA A 58 -2.82 -9.56 4.05
CA ALA A 58 -3.66 -8.98 5.11
C ALA A 58 -4.44 -10.09 5.79
N TRP A 59 -5.09 -10.97 4.98
CA TRP A 59 -5.84 -12.15 5.42
C TRP A 59 -4.91 -13.13 6.19
N ARG A 60 -3.67 -13.33 5.72
CA ARG A 60 -2.67 -14.20 6.36
C ARG A 60 -2.35 -13.71 7.78
N VAL A 61 -2.16 -12.37 7.94
CA VAL A 61 -1.90 -11.72 9.23
C VAL A 61 -3.12 -11.87 10.17
N LEU A 62 -4.31 -11.50 9.72
CA LEU A 62 -5.54 -11.58 10.51
C LEU A 62 -5.96 -13.00 10.90
N SER A 63 -5.54 -14.04 10.14
CA SER A 63 -5.82 -15.45 10.45
C SER A 63 -4.83 -15.90 11.54
N SER A 64 -3.55 -15.50 11.37
CA SER A 64 -2.48 -15.73 12.31
C SER A 64 -2.86 -15.19 13.70
N ILE A 65 -3.37 -13.93 13.78
CA ILE A 65 -3.84 -13.27 15.02
C ILE A 65 -5.06 -13.99 15.59
N GLU A 66 -6.00 -14.42 14.70
CA GLU A 66 -7.23 -15.12 15.09
C GLU A 66 -6.95 -16.49 15.71
N GLN A 67 -5.96 -17.23 15.16
CA GLN A 67 -5.48 -18.52 15.63
C GLN A 67 -4.96 -18.33 17.07
N LYS A 68 -4.11 -17.31 17.30
CA LYS A 68 -3.49 -16.98 18.58
C LYS A 68 -4.51 -16.53 19.65
N SER A 69 -5.48 -15.69 19.25
CA SER A 69 -6.54 -15.21 20.15
C SER A 69 -7.52 -16.35 20.55
N ASN A 70 -7.68 -17.36 19.67
CA ASN A 70 -8.51 -18.54 19.93
C ASN A 70 -7.77 -19.51 20.83
N GLU A 71 -6.45 -19.71 20.57
CA GLU A 71 -5.52 -20.55 21.31
C GLU A 71 -5.45 -20.08 22.78
N GLU A 72 -5.49 -18.76 23.00
CA GLU A 72 -5.46 -18.11 24.31
C GLU A 72 -6.85 -17.93 24.95
N GLY A 73 -7.93 -18.25 24.22
CA GLY A 73 -9.31 -18.08 24.68
C GLY A 73 -9.69 -16.63 24.98
N SER A 74 -9.15 -15.67 24.16
CA SER A 74 -9.37 -14.23 24.29
C SER A 74 -10.80 -13.92 23.87
N GLU A 75 -11.75 -14.19 24.79
CA GLU A 75 -13.20 -14.04 24.67
C GLU A 75 -13.64 -12.72 24.06
N GLU A 76 -12.84 -11.67 24.25
CA GLU A 76 -13.13 -10.34 23.75
C GLU A 76 -12.25 -9.91 22.56
N LYS A 77 -11.20 -10.70 22.22
CA LYS A 77 -10.22 -10.35 21.18
C LYS A 77 -9.92 -11.40 20.04
N GLY A 78 -10.84 -12.28 19.59
CA GLY A 78 -12.22 -12.47 19.93
C GLY A 78 -13.08 -12.30 18.71
N PRO A 79 -14.35 -11.93 18.89
CA PRO A 79 -15.23 -11.68 17.73
C PRO A 79 -14.72 -10.66 16.72
N GLU A 80 -13.99 -9.61 17.17
CA GLU A 80 -13.43 -8.52 16.35
C GLU A 80 -12.43 -8.98 15.31
N VAL A 81 -11.55 -10.00 15.62
CA VAL A 81 -10.61 -10.53 14.59
C VAL A 81 -11.41 -11.26 13.51
N ARG A 82 -12.39 -12.08 13.91
CA ARG A 82 -13.26 -12.82 13.02
C ARG A 82 -14.06 -11.87 12.11
N GLU A 83 -14.70 -10.82 12.68
CA GLU A 83 -15.49 -9.81 11.94
C GLU A 83 -14.62 -9.13 10.88
N TYR A 84 -13.42 -8.67 11.30
CA TYR A 84 -12.48 -7.98 10.44
C TYR A 84 -11.81 -8.91 9.42
N ARG A 85 -11.38 -10.13 9.81
CA ARG A 85 -10.78 -11.12 8.88
C ARG A 85 -11.79 -11.47 7.78
N GLU A 86 -13.08 -11.66 8.15
CA GLU A 86 -14.21 -11.94 7.25
C GLU A 86 -14.47 -10.78 6.32
N LYS A 87 -14.25 -9.53 6.80
CA LYS A 87 -14.42 -8.28 6.04
C LYS A 87 -13.36 -8.19 4.90
N VAL A 88 -12.09 -8.51 5.25
CA VAL A 88 -10.93 -8.55 4.35
C VAL A 88 -11.05 -9.72 3.36
N GLU A 89 -11.72 -10.80 3.78
CA GLU A 89 -11.97 -12.00 2.98
C GLU A 89 -13.02 -11.73 1.89
N THR A 90 -14.07 -10.97 2.23
CA THR A 90 -15.18 -10.57 1.36
C THR A 90 -14.69 -9.61 0.26
N GLU A 91 -13.75 -8.72 0.61
CA GLU A 91 -13.12 -7.78 -0.29
C GLU A 91 -12.25 -8.53 -1.30
N LEU A 92 -11.57 -9.61 -0.83
CA LEU A 92 -10.73 -10.51 -1.62
C LEU A 92 -11.59 -11.29 -2.56
N GLN A 93 -12.65 -11.94 -2.03
CA GLN A 93 -13.62 -12.71 -2.83
C GLN A 93 -14.20 -11.86 -3.97
N GLY A 94 -14.56 -10.61 -3.67
CA GLY A 94 -15.09 -9.63 -4.63
C GLY A 94 -14.11 -9.24 -5.71
N VAL A 95 -12.81 -9.11 -5.37
CA VAL A 95 -11.76 -8.76 -6.35
C VAL A 95 -11.57 -9.93 -7.31
N CYS A 96 -11.47 -11.17 -6.77
CA CYS A 96 -11.34 -12.41 -7.55
C CYS A 96 -12.55 -12.61 -8.46
N ASP A 97 -13.78 -12.31 -7.96
CA ASP A 97 -15.03 -12.40 -8.73
C ASP A 97 -15.09 -11.39 -9.88
N THR A 98 -14.48 -10.22 -9.70
CA THR A 98 -14.38 -9.16 -10.71
C THR A 98 -13.45 -9.64 -11.83
N VAL A 99 -12.26 -10.17 -11.47
CA VAL A 99 -11.26 -10.71 -12.41
C VAL A 99 -11.89 -11.89 -13.16
N LEU A 100 -12.41 -12.90 -12.42
CA LEU A 100 -13.01 -14.09 -13.06
C LEU A 100 -14.17 -13.77 -13.99
N GLY A 101 -14.95 -12.74 -13.64
CA GLY A 101 -16.05 -12.22 -14.44
C GLY A 101 -15.53 -11.62 -15.72
N LEU A 102 -14.51 -10.75 -15.62
CA LEU A 102 -13.85 -10.14 -16.77
C LEU A 102 -13.27 -11.20 -17.70
N LEU A 103 -12.74 -12.29 -17.11
CA LEU A 103 -12.12 -13.39 -17.84
C LEU A 103 -13.13 -14.21 -18.61
N ASP A 104 -14.14 -14.74 -17.91
CA ASP A 104 -15.17 -15.58 -18.51
C ASP A 104 -16.09 -14.85 -19.51
N SER A 105 -16.31 -13.52 -19.32
CA SER A 105 -17.23 -12.74 -20.15
C SER A 105 -16.60 -11.80 -21.22
N HIS A 106 -15.28 -11.59 -21.24
CA HIS A 106 -14.72 -10.68 -22.25
C HIS A 106 -13.42 -11.14 -22.83
N LEU A 107 -12.56 -11.75 -22.00
CA LEU A 107 -11.17 -12.07 -22.30
C LEU A 107 -10.92 -13.44 -22.92
N ILE A 108 -11.34 -14.55 -22.26
CA ILE A 108 -11.09 -15.91 -22.73
C ILE A 108 -11.77 -16.14 -24.07
N LYS A 109 -13.04 -15.70 -24.20
CA LYS A 109 -13.86 -15.79 -25.41
C LYS A 109 -13.12 -15.10 -26.57
N GLU A 110 -12.90 -13.78 -26.44
CA GLU A 110 -12.24 -12.92 -27.43
C GLU A 110 -10.68 -13.02 -27.41
N ALA A 111 -10.09 -14.24 -27.24
CA ALA A 111 -8.63 -14.46 -27.22
C ALA A 111 -8.12 -14.76 -28.66
N GLY A 112 -7.29 -13.86 -29.18
CA GLY A 112 -6.76 -13.90 -30.54
C GLY A 112 -5.88 -15.07 -30.91
N ASP A 113 -5.10 -15.57 -29.94
CA ASP A 113 -4.20 -16.70 -30.14
C ASP A 113 -4.04 -17.55 -28.88
N ALA A 114 -3.20 -18.60 -28.97
CA ALA A 114 -2.88 -19.53 -27.90
C ALA A 114 -2.22 -18.80 -26.73
N GLU A 115 -1.23 -17.94 -27.05
CA GLU A 115 -0.41 -17.17 -26.11
C GLU A 115 -1.25 -16.37 -25.10
N SER A 116 -2.29 -15.65 -25.59
CA SER A 116 -3.21 -14.88 -24.76
C SER A 116 -4.20 -15.78 -24.03
N ARG A 117 -4.70 -16.82 -24.73
CA ARG A 117 -5.65 -17.78 -24.18
C ARG A 117 -5.03 -18.50 -22.98
N VAL A 118 -3.73 -18.86 -23.04
CA VAL A 118 -2.97 -19.50 -21.96
C VAL A 118 -2.80 -18.47 -20.84
N PHE A 119 -2.43 -17.23 -21.21
CA PHE A 119 -2.26 -16.12 -20.28
C PHE A 119 -3.54 -15.96 -19.41
N TYR A 120 -4.73 -15.86 -20.07
CA TYR A 120 -6.05 -15.70 -19.48
C TYR A 120 -6.53 -16.91 -18.67
N LEU A 121 -6.17 -18.13 -19.11
CA LEU A 121 -6.51 -19.37 -18.42
C LEU A 121 -5.63 -19.59 -17.19
N LYS A 122 -4.40 -19.05 -17.19
CA LYS A 122 -3.46 -19.06 -16.05
C LYS A 122 -4.03 -18.12 -14.99
N MET A 123 -4.61 -16.95 -15.40
CA MET A 123 -5.29 -15.98 -14.54
C MET A 123 -6.51 -16.60 -13.87
N LYS A 124 -7.36 -17.30 -14.63
CA LYS A 124 -8.55 -17.95 -14.12
C LYS A 124 -8.20 -19.00 -13.04
N GLY A 125 -7.18 -19.83 -13.32
CA GLY A 125 -6.72 -20.84 -12.38
C GLY A 125 -6.17 -20.22 -11.13
N ASP A 126 -5.39 -19.11 -11.28
CA ASP A 126 -4.78 -18.32 -10.20
C ASP A 126 -5.80 -17.76 -9.25
N TYR A 127 -6.80 -17.02 -9.79
CA TYR A 127 -7.86 -16.36 -9.05
C TYR A 127 -8.80 -17.32 -8.37
N TYR A 128 -8.94 -18.54 -8.90
CA TYR A 128 -9.71 -19.60 -8.26
C TYR A 128 -8.87 -20.22 -7.13
N ARG A 129 -7.53 -20.20 -7.26
CA ARG A 129 -6.58 -20.71 -6.26
C ARG A 129 -6.57 -19.79 -5.03
N TYR A 130 -6.61 -18.45 -5.27
CA TYR A 130 -6.67 -17.42 -4.23
C TYR A 130 -8.00 -17.54 -3.54
N LEU A 131 -9.08 -17.82 -4.30
CA LEU A 131 -10.40 -18.04 -3.74
C LEU A 131 -10.39 -19.26 -2.79
N ALA A 132 -9.74 -20.37 -3.23
CA ALA A 132 -9.62 -21.64 -2.48
C ALA A 132 -8.76 -21.53 -1.22
N GLU A 133 -7.85 -20.53 -1.16
CA GLU A 133 -7.00 -20.31 0.02
C GLU A 133 -7.84 -19.81 1.21
N VAL A 134 -8.95 -19.11 0.92
CA VAL A 134 -9.84 -18.51 1.92
C VAL A 134 -11.18 -19.27 2.08
N ALA A 135 -11.52 -20.19 1.15
CA ALA A 135 -12.77 -20.99 1.16
C ALA A 135 -12.78 -22.03 2.28
N THR A 136 -13.97 -22.56 2.66
CA THR A 136 -14.07 -23.51 3.79
C THR A 136 -14.58 -24.95 3.47
N GLY A 137 -15.86 -25.09 3.11
CA GLY A 137 -16.44 -26.42 2.90
C GLY A 137 -16.92 -26.77 1.50
N ASP A 138 -18.24 -26.65 1.31
CA ASP A 138 -19.00 -26.93 0.08
C ASP A 138 -18.32 -26.26 -1.13
N ASP A 139 -18.11 -24.94 -0.98
CA ASP A 139 -17.52 -24.03 -1.94
C ASP A 139 -16.08 -24.35 -2.26
N LYS A 140 -15.28 -24.72 -1.23
CA LYS A 140 -13.85 -25.04 -1.36
C LYS A 140 -13.54 -26.09 -2.46
N LYS A 141 -14.25 -27.21 -2.44
CA LYS A 141 -14.06 -28.33 -3.38
C LYS A 141 -14.45 -27.98 -4.84
N ARG A 142 -15.51 -27.17 -4.98
CA ARG A 142 -16.04 -26.68 -6.25
C ARG A 142 -15.04 -25.66 -6.87
N ILE A 143 -14.37 -24.85 -6.02
CA ILE A 143 -13.39 -23.84 -6.43
C ILE A 143 -12.07 -24.52 -6.83
N ILE A 144 -11.68 -25.59 -6.11
CA ILE A 144 -10.48 -26.40 -6.39
C ILE A 144 -10.65 -27.13 -7.74
N ASP A 145 -11.88 -27.52 -8.07
CA ASP A 145 -12.15 -28.15 -9.36
C ASP A 145 -12.03 -27.15 -10.52
N SER A 146 -12.44 -25.87 -10.32
CA SER A 146 -12.43 -24.78 -11.30
C SER A 146 -10.99 -24.25 -11.59
N ALA A 147 -10.09 -24.29 -10.58
CA ALA A 147 -8.69 -23.90 -10.72
C ALA A 147 -7.96 -24.93 -11.61
N ARG A 148 -8.14 -26.26 -11.32
CA ARG A 148 -7.59 -27.44 -12.03
C ARG A 148 -8.03 -27.49 -13.49
N SER A 149 -9.31 -27.14 -13.76
CA SER A 149 -9.94 -27.08 -15.10
C SER A 149 -9.20 -26.08 -15.99
N ALA A 150 -9.12 -24.80 -15.54
CA ALA A 150 -8.46 -23.70 -16.23
C ALA A 150 -6.95 -23.97 -16.38
N TYR A 151 -6.30 -24.47 -15.31
CA TYR A 151 -4.88 -24.82 -15.32
C TYR A 151 -4.60 -25.96 -16.28
N GLN A 152 -5.52 -26.95 -16.37
CA GLN A 152 -5.36 -28.06 -17.30
C GLN A 152 -5.58 -27.62 -18.72
N GLU A 153 -6.70 -26.93 -19.00
CA GLU A 153 -6.99 -26.42 -20.34
C GLU A 153 -5.84 -25.53 -20.85
N ALA A 154 -5.16 -24.79 -19.96
CA ALA A 154 -4.04 -23.92 -20.28
C ALA A 154 -2.76 -24.73 -20.55
N MET A 155 -2.52 -25.79 -19.74
CA MET A 155 -1.37 -26.71 -19.89
C MET A 155 -1.39 -27.37 -21.25
N ASP A 156 -2.58 -27.83 -21.68
CA ASP A 156 -2.80 -28.47 -22.97
C ASP A 156 -2.44 -27.52 -24.11
N ILE A 157 -2.98 -26.29 -24.10
CA ILE A 157 -2.70 -25.30 -25.15
C ILE A 157 -1.21 -24.91 -25.18
N SER A 158 -0.58 -24.69 -24.00
CA SER A 158 0.83 -24.32 -23.91
C SER A 158 1.78 -25.44 -24.34
N LYS A 159 1.41 -26.73 -24.11
CA LYS A 159 2.21 -27.88 -24.55
C LYS A 159 2.16 -28.05 -26.09
N LYS A 160 0.99 -27.76 -26.67
CA LYS A 160 0.69 -27.88 -28.10
C LYS A 160 1.12 -26.65 -28.96
N GLU A 161 1.11 -25.40 -28.40
CA GLU A 161 1.44 -24.20 -29.20
C GLU A 161 2.37 -23.17 -28.51
N MET A 162 3.21 -23.61 -27.57
CA MET A 162 4.18 -22.73 -26.90
C MET A 162 5.50 -23.44 -26.63
N PRO A 163 6.67 -22.77 -26.81
CA PRO A 163 7.96 -23.42 -26.52
C PRO A 163 8.13 -23.69 -25.02
N PRO A 164 8.89 -24.73 -24.59
CA PRO A 164 9.00 -24.99 -23.13
C PRO A 164 9.69 -23.90 -22.31
N THR A 165 10.41 -22.98 -23.01
CA THR A 165 11.13 -21.82 -22.47
C THR A 165 10.21 -20.58 -22.33
N ASN A 166 9.01 -20.60 -22.95
CA ASN A 166 8.06 -19.50 -22.87
C ASN A 166 7.74 -19.15 -21.39
N PRO A 167 7.94 -17.86 -21.00
CA PRO A 167 7.70 -17.45 -19.61
C PRO A 167 6.26 -17.61 -19.13
N ILE A 168 5.25 -17.61 -20.03
CA ILE A 168 3.86 -17.82 -19.61
C ILE A 168 3.67 -19.31 -19.28
N ARG A 169 4.27 -20.19 -20.11
CA ARG A 169 4.24 -21.63 -19.95
C ARG A 169 4.90 -22.02 -18.63
N LEU A 170 6.09 -21.45 -18.37
CA LEU A 170 6.88 -21.67 -17.15
C LEU A 170 6.16 -21.18 -15.90
N GLY A 171 5.55 -19.99 -16.00
CA GLY A 171 4.78 -19.35 -14.95
C GLY A 171 3.51 -20.11 -14.62
N LEU A 172 2.85 -20.65 -15.67
CA LEU A 172 1.64 -21.50 -15.60
C LEU A 172 1.93 -22.81 -14.87
N ALA A 173 3.00 -23.52 -15.31
CA ALA A 173 3.48 -24.78 -14.74
C ALA A 173 3.88 -24.61 -13.24
N LEU A 174 4.48 -23.45 -12.89
CA LEU A 174 4.90 -23.08 -11.53
C LEU A 174 3.69 -22.92 -10.62
N ASN A 175 2.66 -22.21 -11.09
CA ASN A 175 1.42 -21.93 -10.39
C ASN A 175 0.56 -23.16 -10.22
N PHE A 176 0.55 -24.02 -11.23
CA PHE A 176 -0.17 -25.29 -11.23
C PHE A 176 0.48 -26.26 -10.24
N SER A 177 1.82 -26.33 -10.21
CA SER A 177 2.54 -27.19 -9.25
C SER A 177 2.36 -26.64 -7.82
N VAL A 178 2.20 -25.31 -7.65
CA VAL A 178 1.91 -24.65 -6.36
C VAL A 178 0.46 -25.05 -5.93
N PHE A 179 -0.51 -24.98 -6.86
CA PHE A 179 -1.88 -25.46 -6.68
C PHE A 179 -1.82 -26.93 -6.20
N HIS A 180 -1.07 -27.84 -6.89
CA HIS A 180 -0.98 -29.26 -6.51
C HIS A 180 -0.47 -29.47 -5.09
N TYR A 181 0.67 -28.85 -4.77
CA TYR A 181 1.28 -28.97 -3.45
C TYR A 181 0.42 -28.39 -2.31
N GLU A 182 0.10 -27.06 -2.39
CA GLU A 182 -0.62 -26.26 -1.40
C GLU A 182 -2.14 -26.42 -1.32
N ILE A 183 -2.82 -26.52 -2.47
CA ILE A 183 -4.29 -26.59 -2.52
C ILE A 183 -4.83 -28.00 -2.71
N ALA A 184 -4.38 -28.70 -3.78
CA ALA A 184 -4.88 -30.03 -4.14
C ALA A 184 -4.36 -31.17 -3.28
N ASN A 185 -3.35 -30.92 -2.41
CA ASN A 185 -2.77 -31.94 -1.51
C ASN A 185 -1.92 -33.02 -2.22
N SER A 186 -1.44 -32.76 -3.47
CA SER A 186 -0.61 -33.71 -4.24
C SER A 186 0.85 -33.23 -4.41
N PRO A 187 1.73 -33.44 -3.39
CA PRO A 187 3.14 -33.04 -3.55
C PRO A 187 3.89 -33.75 -4.68
N GLU A 188 3.56 -35.02 -4.94
CA GLU A 188 4.18 -35.86 -5.97
C GLU A 188 3.84 -35.33 -7.39
N GLU A 189 2.59 -34.92 -7.62
CA GLU A 189 2.13 -34.31 -8.88
C GLU A 189 2.80 -32.93 -9.06
N ALA A 190 3.03 -32.20 -7.94
CA ALA A 190 3.73 -30.92 -7.88
C ALA A 190 5.23 -31.09 -8.25
N ILE A 191 5.94 -32.06 -7.60
CA ILE A 191 7.34 -32.35 -7.85
C ILE A 191 7.51 -32.86 -9.28
N SER A 192 6.65 -33.81 -9.71
CA SER A 192 6.64 -34.35 -11.07
C SER A 192 6.51 -33.20 -12.08
N LEU A 193 5.49 -32.33 -11.92
CA LEU A 193 5.25 -31.18 -12.80
C LEU A 193 6.43 -30.16 -12.81
N ALA A 194 6.93 -29.77 -11.62
CA ALA A 194 8.03 -28.82 -11.50
C ALA A 194 9.34 -29.32 -12.10
N LYS A 195 9.70 -30.61 -11.89
CA LYS A 195 10.93 -31.21 -12.41
C LYS A 195 10.90 -31.25 -13.95
N THR A 196 9.82 -31.82 -14.51
CA THR A 196 9.54 -31.95 -15.94
C THR A 196 9.69 -30.61 -16.68
N THR A 197 9.02 -29.55 -16.16
CA THR A 197 9.01 -28.19 -16.69
C THR A 197 10.43 -27.58 -16.70
N PHE A 198 11.16 -27.76 -15.58
CA PHE A 198 12.52 -27.25 -15.42
C PHE A 198 13.45 -27.89 -16.45
N ASP A 199 13.34 -29.22 -16.63
CA ASP A 199 14.16 -30.02 -17.54
C ASP A 199 13.94 -29.70 -19.04
N GLU A 200 12.66 -29.59 -19.46
CA GLU A 200 12.25 -29.27 -20.84
C GLU A 200 12.77 -27.91 -21.30
N ALA A 201 12.66 -26.87 -20.44
CA ALA A 201 13.16 -25.52 -20.70
C ALA A 201 14.71 -25.48 -20.70
N MET A 202 15.35 -26.23 -19.78
CA MET A 202 16.80 -26.36 -19.63
C MET A 202 17.43 -26.84 -20.95
N ALA A 203 16.79 -27.85 -21.57
CA ALA A 203 17.19 -28.46 -22.83
C ALA A 203 17.23 -27.44 -24.00
N ASP A 204 16.36 -26.41 -23.99
CA ASP A 204 16.26 -25.42 -25.06
C ASP A 204 16.73 -23.98 -24.69
N LEU A 205 17.58 -23.84 -23.65
CA LEU A 205 18.12 -22.53 -23.26
C LEU A 205 19.16 -21.99 -24.26
N HIS A 206 19.90 -22.92 -24.91
CA HIS A 206 20.95 -22.63 -25.89
C HIS A 206 20.45 -21.86 -27.15
N THR A 207 19.12 -21.77 -27.33
CA THR A 207 18.49 -21.12 -28.49
C THR A 207 17.81 -19.77 -28.17
N LEU A 208 18.16 -19.11 -27.04
CA LEU A 208 17.54 -17.84 -26.63
C LEU A 208 18.47 -16.63 -26.67
N SER A 209 17.91 -15.47 -27.07
CA SER A 209 18.63 -14.19 -27.09
C SER A 209 18.71 -13.64 -25.65
N GLU A 210 19.57 -12.60 -25.40
CA GLU A 210 19.76 -11.98 -24.10
C GLU A 210 18.46 -11.74 -23.36
N ASP A 211 17.50 -10.99 -23.98
CA ASP A 211 16.20 -10.70 -23.35
C ASP A 211 15.39 -11.96 -22.97
N SER A 212 15.36 -12.96 -23.88
CA SER A 212 14.65 -14.24 -23.76
C SER A 212 15.14 -15.14 -22.62
N TYR A 213 16.48 -15.29 -22.52
CA TYR A 213 17.22 -16.11 -21.55
C TYR A 213 16.99 -15.63 -20.10
N LYS A 214 17.09 -14.31 -19.91
CA LYS A 214 16.93 -13.64 -18.63
C LYS A 214 15.50 -13.75 -18.08
N ASP A 215 14.47 -13.74 -18.94
CA ASP A 215 13.05 -13.87 -18.57
C ASP A 215 12.67 -15.32 -18.19
N SER A 216 13.26 -16.31 -18.89
CA SER A 216 13.02 -17.73 -18.67
C SER A 216 13.77 -18.29 -17.45
N THR A 217 15.08 -17.96 -17.29
CA THR A 217 15.89 -18.46 -16.17
C THR A 217 15.43 -17.87 -14.82
N LEU A 218 14.70 -16.73 -14.83
CA LEU A 218 14.13 -16.11 -13.63
C LEU A 218 13.05 -17.04 -13.00
N ILE A 219 12.09 -17.54 -13.82
CA ILE A 219 10.99 -18.44 -13.44
C ILE A 219 11.50 -19.86 -13.20
N MET A 220 12.54 -20.27 -13.93
CA MET A 220 13.16 -21.59 -13.81
C MET A 220 13.81 -21.71 -12.43
N GLN A 221 14.36 -20.58 -11.91
CA GLN A 221 14.99 -20.48 -10.59
C GLN A 221 13.92 -20.66 -9.49
N LEU A 222 12.69 -20.15 -9.72
CA LEU A 222 11.54 -20.27 -8.80
C LEU A 222 11.00 -21.69 -8.77
N LEU A 223 11.07 -22.39 -9.92
CA LEU A 223 10.68 -23.79 -10.07
C LEU A 223 11.57 -24.65 -9.21
N ARG A 224 12.89 -24.52 -9.40
CA ARG A 224 13.90 -25.27 -8.65
C ARG A 224 13.96 -24.89 -7.17
N ASP A 225 13.62 -23.65 -6.81
CA ASP A 225 13.57 -23.19 -5.43
C ASP A 225 12.48 -23.95 -4.66
N ASN A 226 11.29 -24.05 -5.27
CA ASN A 226 10.15 -24.78 -4.74
C ASN A 226 10.49 -26.26 -4.65
N LEU A 227 11.20 -26.79 -5.67
CA LEU A 227 11.66 -28.19 -5.66
C LEU A 227 12.53 -28.47 -4.43
N THR A 228 13.45 -27.54 -4.08
CA THR A 228 14.36 -27.58 -2.92
C THR A 228 13.54 -27.61 -1.60
N LEU A 229 12.47 -26.83 -1.57
CA LEU A 229 11.57 -26.68 -0.44
C LEU A 229 10.68 -27.91 -0.27
N TRP A 230 10.20 -28.49 -1.39
CA TRP A 230 9.29 -29.64 -1.43
C TRP A 230 9.98 -31.03 -1.37
N THR A 231 11.34 -31.07 -1.43
CA THR A 231 12.13 -32.30 -1.34
C THR A 231 13.18 -32.27 -0.21
N GLU B 2 -19.15 -0.35 21.02
CA GLU B 2 -18.62 -0.02 19.70
C GLU B 2 -17.24 0.63 19.75
N ARG B 3 -16.96 1.59 20.68
CA ARG B 3 -15.67 2.31 20.76
C ARG B 3 -14.41 1.43 20.95
N ALA B 4 -14.48 0.45 21.87
CA ALA B 4 -13.39 -0.48 22.16
C ALA B 4 -13.15 -1.38 20.95
N SER B 5 -14.25 -1.76 20.26
CA SER B 5 -14.28 -2.60 19.06
C SER B 5 -13.64 -1.92 17.84
N LEU B 6 -13.77 -0.58 17.73
CA LEU B 6 -13.17 0.26 16.71
C LEU B 6 -11.66 0.42 16.96
N ILE B 7 -11.26 0.57 18.22
CA ILE B 7 -9.84 0.66 18.65
C ILE B 7 -9.14 -0.68 18.42
N GLN B 8 -9.84 -1.79 18.67
CA GLN B 8 -9.32 -3.15 18.45
C GLN B 8 -9.09 -3.45 16.97
N LYS B 9 -10.10 -3.21 16.11
CA LYS B 9 -10.04 -3.38 14.65
C LYS B 9 -9.00 -2.47 13.98
N ALA B 10 -8.64 -1.34 14.64
CA ALA B 10 -7.63 -0.33 14.26
C ALA B 10 -6.22 -0.84 14.56
N LYS B 11 -6.07 -1.59 15.64
CA LYS B 11 -4.79 -2.20 16.02
C LYS B 11 -4.53 -3.36 15.06
N LEU B 12 -5.62 -4.10 14.69
CA LEU B 12 -5.62 -5.22 13.75
C LEU B 12 -5.29 -4.73 12.33
N ALA B 13 -5.87 -3.59 11.90
CA ALA B 13 -5.67 -2.96 10.60
C ALA B 13 -4.25 -2.45 10.42
N GLU B 14 -3.55 -2.16 11.53
CA GLU B 14 -2.18 -1.69 11.50
C GLU B 14 -1.28 -2.87 11.22
N GLN B 15 -1.54 -4.00 11.90
CA GLN B 15 -0.83 -5.28 11.77
C GLN B 15 -0.87 -5.84 10.34
N ALA B 16 -2.05 -5.71 9.65
CA ALA B 16 -2.33 -6.18 8.30
C ALA B 16 -1.91 -5.13 7.23
N GLU B 17 -1.45 -3.93 7.70
CA GLU B 17 -0.97 -2.76 6.99
C GLU B 17 -2.05 -2.12 6.07
N ARG B 18 -3.28 -2.13 6.60
CA ARG B 18 -4.50 -1.59 5.99
C ARG B 18 -4.76 -0.28 6.71
N TYR B 19 -4.10 0.79 6.25
CA TYR B 19 -4.08 2.11 6.85
C TYR B 19 -5.29 2.95 6.58
N GLU B 20 -5.98 2.71 5.46
CA GLU B 20 -7.24 3.43 5.18
C GLU B 20 -8.36 2.82 6.03
N ASP B 21 -8.24 1.53 6.34
CA ASP B 21 -9.19 0.82 7.20
C ASP B 21 -8.99 1.33 8.60
N MET B 22 -7.70 1.39 9.03
CA MET B 22 -7.23 1.88 10.32
C MET B 22 -7.75 3.29 10.57
N ALA B 23 -7.57 4.16 9.55
CA ALA B 23 -8.00 5.56 9.48
C ALA B 23 -9.50 5.67 9.79
N ALA B 24 -10.34 4.90 9.08
CA ALA B 24 -11.80 4.80 9.24
C ALA B 24 -12.24 4.33 10.66
N PHE B 25 -11.51 3.35 11.23
CA PHE B 25 -11.72 2.81 12.59
C PHE B 25 -11.35 3.84 13.67
N MET B 26 -10.30 4.63 13.42
CA MET B 26 -9.83 5.70 14.32
C MET B 26 -10.74 6.94 14.26
N LYS B 27 -11.16 7.35 13.07
CA LYS B 27 -12.08 8.47 12.89
C LYS B 27 -13.38 8.16 13.66
N GLY B 28 -13.88 6.94 13.53
CA GLY B 28 -15.06 6.45 14.23
C GLY B 28 -14.88 6.41 15.73
N ALA B 29 -13.63 6.13 16.21
CA ALA B 29 -13.29 6.08 17.64
C ALA B 29 -13.28 7.50 18.22
N VAL B 30 -12.72 8.45 17.44
CA VAL B 30 -12.62 9.88 17.73
C VAL B 30 -14.06 10.46 17.81
N GLU B 31 -14.87 10.24 16.74
CA GLU B 31 -16.28 10.65 16.60
C GLU B 31 -17.17 10.27 17.78
N LYS B 32 -16.81 9.22 18.56
CA LYS B 32 -17.55 8.80 19.78
C LYS B 32 -17.64 9.92 20.83
N GLY B 33 -16.76 10.92 20.69
CA GLY B 33 -16.70 12.11 21.53
C GLY B 33 -15.68 12.04 22.65
N GLU B 34 -15.27 10.82 23.03
CA GLU B 34 -14.34 10.60 24.13
C GLU B 34 -12.90 10.98 23.79
N GLU B 35 -12.09 11.27 24.85
CA GLU B 35 -10.66 11.63 24.80
C GLU B 35 -9.83 10.41 24.44
N LEU B 36 -8.67 10.65 23.79
CA LEU B 36 -7.75 9.58 23.39
C LEU B 36 -6.60 9.42 24.37
N SER B 37 -6.22 8.16 24.68
CA SER B 37 -5.04 7.88 25.50
C SER B 37 -3.81 8.06 24.61
N CYS B 38 -2.59 7.92 25.15
CA CYS B 38 -1.34 8.07 24.37
C CYS B 38 -1.31 7.12 23.18
N GLU B 39 -1.79 5.87 23.41
CA GLU B 39 -1.89 4.74 22.48
C GLU B 39 -2.82 5.09 21.31
N GLU B 40 -4.10 5.47 21.60
CA GLU B 40 -5.16 5.86 20.63
C GLU B 40 -4.70 7.02 19.75
N ARG B 41 -4.03 7.99 20.36
CA ARG B 41 -3.49 9.24 19.81
C ARG B 41 -2.45 8.92 18.72
N ASN B 42 -1.65 7.85 18.97
CA ASN B 42 -0.59 7.30 18.13
C ASN B 42 -1.16 6.49 16.98
N LEU B 43 -2.24 5.70 17.24
CA LEU B 43 -2.94 4.92 16.22
C LEU B 43 -3.55 5.88 15.21
N LEU B 44 -4.07 7.04 15.68
CA LEU B 44 -4.69 8.07 14.82
C LEU B 44 -3.65 8.74 13.89
N SER B 45 -2.45 8.97 14.44
CA SER B 45 -1.28 9.55 13.79
C SER B 45 -0.71 8.59 12.72
N VAL B 46 -0.48 7.33 13.08
CA VAL B 46 0.05 6.28 12.19
C VAL B 46 -0.89 6.00 10.99
N ALA B 47 -2.18 5.84 11.25
CA ALA B 47 -3.26 5.63 10.29
C ALA B 47 -3.20 6.67 9.17
N TYR B 48 -3.45 7.94 9.53
CA TYR B 48 -3.50 9.08 8.63
C TYR B 48 -2.18 9.48 8.00
N LYS B 49 -1.05 9.39 8.75
CA LYS B 49 0.28 9.72 8.20
C LYS B 49 0.68 8.74 7.14
N ASN B 50 0.20 7.48 7.26
CA ASN B 50 0.41 6.44 6.25
C ASN B 50 -0.50 6.64 5.02
N VAL B 51 -1.77 7.01 5.26
CA VAL B 51 -2.77 7.27 4.21
C VAL B 51 -2.31 8.44 3.34
N VAL B 52 -1.99 9.57 4.00
CA VAL B 52 -1.62 10.81 3.34
C VAL B 52 -0.20 10.77 2.75
N GLY B 53 0.67 9.96 3.32
CA GLY B 53 2.03 9.79 2.84
C GLY B 53 2.06 9.15 1.47
N GLY B 54 1.20 8.15 1.30
CA GLY B 54 1.00 7.43 0.04
C GLY B 54 0.33 8.26 -1.04
N GLN B 55 -0.49 9.24 -0.62
CA GLN B 55 -1.19 10.17 -1.52
C GLN B 55 -0.23 11.29 -1.95
N ARG B 56 0.72 11.65 -1.07
CA ARG B 56 1.71 12.69 -1.32
C ARG B 56 2.73 12.19 -2.31
N ALA B 57 3.26 10.97 -2.09
CA ALA B 57 4.24 10.29 -2.94
C ALA B 57 3.69 10.04 -4.35
N ALA B 58 2.37 9.75 -4.43
CA ALA B 58 1.60 9.53 -5.66
C ALA B 58 1.49 10.82 -6.43
N TRP B 59 1.09 11.92 -5.73
CA TRP B 59 0.98 13.29 -6.25
C TRP B 59 2.34 13.77 -6.78
N ARG B 60 3.46 13.48 -6.06
CA ARG B 60 4.82 13.86 -6.46
C ARG B 60 5.19 13.24 -7.80
N VAL B 61 4.88 11.93 -7.99
CA VAL B 61 5.11 11.18 -9.23
C VAL B 61 4.27 11.76 -10.39
N LEU B 62 2.95 11.92 -10.20
CA LEU B 62 2.03 12.45 -11.22
C LEU B 62 2.32 13.91 -11.61
N SER B 63 2.95 14.71 -10.73
CA SER B 63 3.32 16.10 -11.02
C SER B 63 4.60 16.09 -11.85
N SER B 64 5.55 15.21 -11.46
CA SER B 64 6.80 14.96 -12.15
C SER B 64 6.53 14.57 -13.62
N ILE B 65 5.59 13.64 -13.86
CA ILE B 65 5.16 13.17 -15.20
C ILE B 65 4.46 14.32 -15.97
N GLU B 66 3.62 15.13 -15.25
CA GLU B 66 2.87 16.25 -15.82
C GLU B 66 3.81 17.38 -16.31
N GLN B 67 4.88 17.65 -15.54
CA GLN B 67 5.92 18.62 -15.84
C GLN B 67 6.60 18.19 -17.16
N LYS B 68 6.99 16.91 -17.27
CA LYS B 68 7.66 16.31 -18.43
C LYS B 68 6.77 16.29 -19.68
N SER B 69 5.48 15.95 -19.54
CA SER B 69 4.52 15.92 -20.65
C SER B 69 4.19 17.34 -21.16
N ASN B 70 4.29 18.36 -20.27
CA ASN B 70 4.11 19.77 -20.61
C ASN B 70 5.34 20.28 -21.37
N GLU B 71 6.51 19.59 -21.18
CA GLU B 71 7.72 19.80 -21.97
C GLU B 71 7.48 19.14 -23.37
N GLU B 72 6.18 18.90 -23.70
CA GLU B 72 5.61 18.33 -24.94
C GLU B 72 6.26 16.99 -25.33
N GLU B 76 2.57 14.66 -24.87
CA GLU B 76 1.14 14.88 -25.00
C GLU B 76 0.28 13.91 -24.13
N LYS B 77 0.80 13.57 -22.94
CA LYS B 77 0.07 12.76 -21.97
C LYS B 77 -0.82 13.73 -21.16
N GLY B 78 -0.48 15.03 -21.26
CA GLY B 78 -1.06 16.23 -20.64
C GLY B 78 -2.48 16.17 -20.09
N PRO B 79 -3.52 15.96 -20.96
CA PRO B 79 -4.92 15.91 -20.45
C PRO B 79 -5.17 14.80 -19.41
N GLU B 80 -4.67 13.57 -19.67
CA GLU B 80 -4.84 12.43 -18.76
C GLU B 80 -4.09 12.59 -17.47
N VAL B 81 -2.88 13.19 -17.48
CA VAL B 81 -2.07 13.39 -16.27
C VAL B 81 -2.71 14.42 -15.34
N ARG B 82 -3.18 15.55 -15.90
CA ARG B 82 -3.85 16.60 -15.17
C ARG B 82 -5.12 16.09 -14.48
N GLU B 83 -5.99 15.36 -15.22
CA GLU B 83 -7.25 14.79 -14.70
C GLU B 83 -6.97 13.85 -13.54
N TYR B 84 -5.99 12.95 -13.72
CA TYR B 84 -5.61 11.98 -12.72
C TYR B 84 -4.85 12.59 -11.54
N ARG B 85 -3.89 13.53 -11.77
CA ARG B 85 -3.15 14.20 -10.70
C ARG B 85 -4.14 14.99 -9.82
N GLU B 86 -5.15 15.67 -10.42
CA GLU B 86 -6.22 16.42 -9.76
C GLU B 86 -7.12 15.49 -8.95
N LYS B 87 -7.30 14.23 -9.43
CA LYS B 87 -8.11 13.19 -8.78
C LYS B 87 -7.43 12.72 -7.47
N VAL B 88 -6.09 12.50 -7.55
CA VAL B 88 -5.22 12.10 -6.42
C VAL B 88 -5.06 13.26 -5.43
N GLU B 89 -5.14 14.51 -5.93
CA GLU B 89 -5.06 15.73 -5.14
C GLU B 89 -6.32 15.95 -4.30
N THR B 90 -7.50 15.64 -4.86
CA THR B 90 -8.84 15.74 -4.25
C THR B 90 -8.98 14.71 -3.13
N GLU B 91 -8.42 13.51 -3.32
CA GLU B 91 -8.39 12.43 -2.35
C GLU B 91 -7.52 12.81 -1.16
N LEU B 92 -6.40 13.52 -1.44
CA LEU B 92 -5.45 14.04 -0.47
C LEU B 92 -6.11 15.15 0.31
N GLN B 93 -6.69 16.15 -0.38
CA GLN B 93 -7.41 17.26 0.23
C GLN B 93 -8.50 16.77 1.19
N GLY B 94 -9.25 15.74 0.77
CA GLY B 94 -10.31 15.11 1.55
C GLY B 94 -9.80 14.41 2.79
N VAL B 95 -8.65 13.73 2.72
CA VAL B 95 -8.05 13.06 3.88
C VAL B 95 -7.58 14.11 4.91
N CYS B 96 -6.87 15.18 4.45
CA CYS B 96 -6.44 16.30 5.29
C CYS B 96 -7.63 17.02 5.93
N ASP B 97 -8.73 17.22 5.17
CA ASP B 97 -9.96 17.84 5.67
C ASP B 97 -10.67 16.98 6.74
N THR B 98 -10.55 15.66 6.63
CA THR B 98 -11.11 14.72 7.59
C THR B 98 -10.35 14.84 8.90
N VAL B 99 -9.01 14.82 8.83
CA VAL B 99 -8.11 14.98 9.97
C VAL B 99 -8.35 16.36 10.62
N LEU B 100 -8.24 17.45 9.85
CA LEU B 100 -8.43 18.80 10.39
C LEU B 100 -9.80 19.01 11.03
N GLY B 101 -10.81 18.34 10.49
CA GLY B 101 -12.17 18.34 11.03
C GLY B 101 -12.21 17.64 12.38
N LEU B 102 -11.52 16.48 12.51
CA LEU B 102 -11.41 15.71 13.78
C LEU B 102 -10.68 16.50 14.85
N LEU B 103 -9.62 17.25 14.45
CA LEU B 103 -8.83 18.10 15.33
C LEU B 103 -9.62 19.29 15.83
N ASP B 104 -10.20 20.08 14.91
CA ASP B 104 -10.92 21.30 15.28
C ASP B 104 -12.23 21.09 16.02
N SER B 105 -13.00 20.02 15.72
CA SER B 105 -14.32 19.83 16.31
C SER B 105 -14.41 18.84 17.51
N HIS B 106 -13.32 18.07 17.80
CA HIS B 106 -13.31 17.04 18.83
C HIS B 106 -12.07 16.95 19.68
N LEU B 107 -10.90 16.92 19.04
CA LEU B 107 -9.62 16.66 19.70
C LEU B 107 -9.00 17.84 20.43
N ILE B 108 -8.75 18.97 19.75
CA ILE B 108 -8.08 20.15 20.34
C ILE B 108 -8.91 20.70 21.50
N LYS B 109 -10.24 20.82 21.29
CA LYS B 109 -11.22 21.32 22.26
C LYS B 109 -11.15 20.44 23.53
N GLU B 110 -11.46 19.14 23.37
CA GLU B 110 -11.49 18.14 24.43
C GLU B 110 -10.10 17.60 24.82
N ALA B 111 -9.08 18.49 24.90
CA ALA B 111 -7.74 18.08 25.29
C ALA B 111 -7.42 18.68 26.66
N GLY B 112 -6.95 17.82 27.57
CA GLY B 112 -6.54 18.20 28.92
C GLY B 112 -5.08 18.59 28.98
N ASP B 113 -4.20 17.57 29.11
CA ASP B 113 -2.73 17.69 29.15
C ASP B 113 -2.21 18.61 28.07
N ALA B 114 -1.19 19.40 28.41
CA ALA B 114 -0.53 20.32 27.49
C ALA B 114 0.11 19.51 26.37
N GLU B 115 0.65 18.36 26.76
CA GLU B 115 1.30 17.33 25.95
C GLU B 115 0.43 16.86 24.77
N SER B 116 -0.86 16.63 25.00
CA SER B 116 -1.85 16.20 24.00
C SER B 116 -2.37 17.37 23.16
N ARG B 117 -2.42 18.58 23.74
CA ARG B 117 -2.80 19.81 23.03
C ARG B 117 -1.71 20.16 21.98
N VAL B 118 -0.41 20.00 22.34
CA VAL B 118 0.74 20.25 21.46
C VAL B 118 0.73 19.17 20.36
N PHE B 119 0.46 17.90 20.75
CA PHE B 119 0.37 16.77 19.83
C PHE B 119 -0.62 17.09 18.71
N TYR B 120 -1.85 17.51 19.07
CA TYR B 120 -2.96 17.85 18.18
C TYR B 120 -2.75 19.12 17.37
N LEU B 121 -2.04 20.10 17.95
CA LEU B 121 -1.71 21.35 17.25
C LEU B 121 -0.56 21.14 16.23
N LYS B 122 0.32 20.16 16.48
CA LYS B 122 1.40 19.74 15.58
C LYS B 122 0.76 19.05 14.37
N MET B 123 -0.26 18.18 14.63
CA MET B 123 -1.09 17.49 13.64
C MET B 123 -1.78 18.51 12.75
N LYS B 124 -2.36 19.55 13.34
CA LYS B 124 -3.11 20.59 12.65
C LYS B 124 -2.20 21.37 11.67
N GLY B 125 -1.02 21.75 12.13
CA GLY B 125 -0.03 22.43 11.33
C GLY B 125 0.49 21.57 10.20
N ASP B 126 0.71 20.26 10.47
CA ASP B 126 1.19 19.24 9.51
C ASP B 126 0.25 19.07 8.33
N TYR B 127 -1.05 18.82 8.61
CA TYR B 127 -2.09 18.60 7.62
C TYR B 127 -2.41 19.82 6.81
N TYR B 128 -2.15 21.01 7.35
CA TYR B 128 -2.29 22.26 6.61
C TYR B 128 -1.06 22.45 5.71
N ARG B 129 0.09 21.90 6.13
CA ARG B 129 1.35 21.94 5.37
C ARG B 129 1.24 21.03 4.14
N TYR B 130 0.64 19.84 4.31
CA TYR B 130 0.40 18.87 3.24
C TYR B 130 -0.60 19.46 2.28
N LEU B 131 -1.62 20.18 2.81
CA LEU B 131 -2.59 20.88 1.98
C LEU B 131 -1.90 21.95 1.11
N ALA B 132 -0.97 22.73 1.73
CA ALA B 132 -0.20 23.82 1.08
C ALA B 132 0.78 23.30 0.03
N GLU B 133 1.22 22.01 0.14
CA GLU B 133 2.11 21.45 -0.89
C GLU B 133 1.43 21.46 -2.28
N VAL B 134 0.17 21.03 -2.35
CA VAL B 134 -0.68 20.88 -3.54
C VAL B 134 -1.55 22.13 -3.89
N ALA B 135 -1.72 23.10 -2.94
CA ALA B 135 -2.52 24.33 -3.16
C ALA B 135 -1.84 25.28 -4.18
N THR B 136 -2.60 26.24 -4.79
CA THR B 136 -2.02 27.11 -5.83
C THR B 136 -2.00 28.63 -5.53
N GLY B 137 -3.16 29.28 -5.45
CA GLY B 137 -3.19 30.74 -5.30
C GLY B 137 -3.80 31.31 -4.03
N ASP B 138 -5.08 31.75 -4.14
CA ASP B 138 -5.91 32.36 -3.09
C ASP B 138 -5.86 31.48 -1.81
N ASP B 139 -6.16 30.19 -2.00
CA ASP B 139 -6.24 29.15 -0.99
C ASP B 139 -4.90 28.85 -0.35
N LYS B 140 -3.80 28.83 -1.14
CA LYS B 140 -2.43 28.56 -0.68
C LYS B 140 -2.00 29.43 0.51
N LYS B 141 -2.16 30.75 0.41
CA LYS B 141 -1.78 31.74 1.41
C LYS B 141 -2.60 31.64 2.70
N ARG B 142 -3.87 31.30 2.59
CA ARG B 142 -4.82 31.12 3.69
C ARG B 142 -4.46 29.86 4.48
N ILE B 143 -4.02 28.78 3.77
CA ILE B 143 -3.58 27.50 4.33
C ILE B 143 -2.26 27.69 5.07
N ILE B 144 -1.31 28.43 4.46
CA ILE B 144 0.02 28.74 5.02
C ILE B 144 -0.12 29.56 6.33
N ASP B 145 -1.14 30.43 6.40
CA ASP B 145 -1.40 31.20 7.61
C ASP B 145 -1.94 30.31 8.73
N SER B 146 -2.78 29.32 8.36
CA SER B 146 -3.44 28.36 9.25
C SER B 146 -2.43 27.39 9.79
N ALA B 147 -1.39 27.05 8.99
CA ALA B 147 -0.31 26.14 9.34
C ALA B 147 0.61 26.82 10.33
N ARG B 148 1.00 28.09 10.03
CA ARG B 148 1.89 28.94 10.85
C ARG B 148 1.35 29.15 12.26
N SER B 149 0.07 29.56 12.33
CA SER B 149 -0.66 29.83 13.55
C SER B 149 -0.73 28.63 14.45
N ALA B 150 -1.08 27.44 13.92
CA ALA B 150 -1.25 26.17 14.65
C ALA B 150 0.10 25.68 15.20
N TYR B 151 1.18 25.80 14.40
CA TYR B 151 2.58 25.52 14.73
C TYR B 151 3.09 26.50 15.77
N GLN B 152 2.65 27.77 15.71
CA GLN B 152 3.04 28.79 16.69
C GLN B 152 2.34 28.54 18.01
N GLU B 153 1.01 28.35 18.01
CA GLU B 153 0.26 28.08 19.23
C GLU B 153 0.83 26.85 19.97
N ALA B 154 1.34 25.86 19.22
CA ALA B 154 1.92 24.64 19.74
C ALA B 154 3.33 24.90 20.31
N MET B 155 4.14 25.72 19.61
CA MET B 155 5.49 26.12 20.04
C MET B 155 5.43 26.81 21.39
N ASP B 156 4.46 27.73 21.56
CA ASP B 156 4.24 28.47 22.80
C ASP B 156 3.93 27.51 23.95
N ILE B 157 2.96 26.60 23.79
CA ILE B 157 2.60 25.64 24.83
C ILE B 157 3.78 24.69 25.17
N SER B 158 4.51 24.19 24.14
CA SER B 158 5.65 23.28 24.35
C SER B 158 6.85 23.98 25.01
N LYS B 159 7.07 25.30 24.76
CA LYS B 159 8.15 26.07 25.41
C LYS B 159 7.83 26.32 26.90
N LYS B 160 6.55 26.55 27.20
CA LYS B 160 6.02 26.82 28.53
C LYS B 160 5.73 25.58 29.42
N GLU B 161 5.37 24.40 28.83
CA GLU B 161 5.04 23.22 29.65
C GLU B 161 5.65 21.88 29.15
N MET B 162 6.76 21.91 28.41
CA MET B 162 7.44 20.70 27.93
C MET B 162 8.96 20.84 27.97
N PRO B 163 9.72 19.77 28.36
CA PRO B 163 11.19 19.87 28.35
C PRO B 163 11.73 19.97 26.92
N PRO B 164 12.92 20.61 26.66
CA PRO B 164 13.42 20.73 25.27
C PRO B 164 13.77 19.40 24.58
N THR B 165 13.90 18.33 25.37
CA THR B 165 14.19 16.95 24.96
C THR B 165 12.90 16.16 24.60
N ASN B 166 11.73 16.70 24.97
CA ASN B 166 10.45 16.04 24.66
C ASN B 166 10.32 15.76 23.15
N PRO B 167 10.07 14.47 22.76
CA PRO B 167 9.96 14.11 21.34
C PRO B 167 8.84 14.78 20.57
N ILE B 168 7.75 15.23 21.27
CA ILE B 168 6.66 15.95 20.57
C ILE B 168 7.15 17.37 20.23
N ARG B 169 7.86 18.00 21.19
CA ARG B 169 8.47 19.32 21.07
C ARG B 169 9.48 19.33 19.93
N LEU B 170 10.37 18.33 19.90
CA LEU B 170 11.41 18.15 18.90
C LEU B 170 10.83 17.92 17.51
N GLY B 171 9.80 17.07 17.44
CA GLY B 171 9.08 16.71 16.23
C GLY B 171 8.31 17.88 15.67
N LEU B 172 7.72 18.71 16.56
CA LEU B 172 7.00 19.96 16.25
C LEU B 172 7.94 20.99 15.65
N ALA B 173 9.09 21.25 16.32
CA ALA B 173 10.14 22.18 15.90
C ALA B 173 10.74 21.78 14.52
N LEU B 174 10.88 20.46 14.27
CA LEU B 174 11.39 19.87 13.03
C LEU B 174 10.44 20.14 11.86
N ASN B 175 9.14 19.92 12.09
CA ASN B 175 8.07 20.12 11.14
C ASN B 175 7.84 21.57 10.83
N PHE B 176 7.95 22.43 11.84
CA PHE B 176 7.83 23.88 11.73
C PHE B 176 9.02 24.45 10.93
N SER B 177 10.24 23.97 11.17
CA SER B 177 11.41 24.42 10.40
C SER B 177 11.33 23.91 8.95
N VAL B 178 10.69 22.74 8.71
CA VAL B 178 10.44 22.18 7.38
C VAL B 178 9.39 23.10 6.68
N PHE B 179 8.36 23.52 7.47
CA PHE B 179 7.36 24.50 7.04
C PHE B 179 8.05 25.80 6.57
N HIS B 180 8.96 26.34 7.39
CA HIS B 180 9.67 27.58 7.07
C HIS B 180 10.46 27.48 5.78
N TYR B 181 11.30 26.45 5.67
CA TYR B 181 12.16 26.23 4.51
C TYR B 181 11.36 25.99 3.21
N GLU B 182 10.53 24.90 3.19
CA GLU B 182 9.76 24.40 2.05
C GLU B 182 8.49 25.16 1.67
N ILE B 183 7.71 25.61 2.65
CA ILE B 183 6.40 26.25 2.43
C ILE B 183 6.45 27.77 2.56
N ALA B 184 6.90 28.28 3.73
CA ALA B 184 6.92 29.72 4.02
C ALA B 184 8.00 30.52 3.30
N ASN B 185 8.98 29.82 2.64
CA ASN B 185 10.07 30.47 1.90
C ASN B 185 11.14 31.16 2.79
N SER B 186 11.24 30.80 4.09
CA SER B 186 12.22 31.38 5.03
C SER B 186 13.30 30.36 5.47
N PRO B 187 14.37 30.14 4.65
CA PRO B 187 15.44 29.21 5.07
C PRO B 187 16.16 29.61 6.36
N GLU B 188 16.35 30.92 6.57
CA GLU B 188 17.02 31.51 7.73
C GLU B 188 16.24 31.25 9.04
N GLU B 189 14.91 31.39 8.99
CA GLU B 189 14.00 31.10 10.12
C GLU B 189 14.01 29.58 10.39
N ALA B 190 14.13 28.75 9.33
CA ALA B 190 14.26 27.28 9.38
C ALA B 190 15.59 26.87 10.05
N ILE B 191 16.74 27.45 9.58
CA ILE B 191 18.06 27.15 10.12
C ILE B 191 18.14 27.63 11.57
N SER B 192 17.69 28.88 11.83
CA SER B 192 17.62 29.47 13.18
C SER B 192 16.84 28.54 14.11
N LEU B 193 15.60 28.14 13.73
CA LEU B 193 14.75 27.23 14.51
C LEU B 193 15.37 25.84 14.73
N ALA B 194 15.90 25.20 13.67
CA ALA B 194 16.53 23.88 13.74
C ALA B 194 17.79 23.84 14.61
N LYS B 195 18.67 24.87 14.52
CA LYS B 195 19.91 24.95 15.31
C LYS B 195 19.59 25.12 16.79
N THR B 196 18.73 26.10 17.13
CA THR B 196 18.24 26.41 18.49
C THR B 196 17.67 25.18 19.20
N THR B 197 16.76 24.45 18.52
CA THR B 197 16.09 23.24 19.00
C THR B 197 17.09 22.11 19.28
N PHE B 198 18.05 21.93 18.36
CA PHE B 198 19.08 20.91 18.48
C PHE B 198 19.96 21.18 19.70
N ASP B 199 20.38 22.44 19.89
CA ASP B 199 21.24 22.91 20.99
C ASP B 199 20.59 22.81 22.39
N GLU B 200 19.32 23.25 22.53
CA GLU B 200 18.54 23.19 23.78
C GLU B 200 18.37 21.77 24.30
N ALA B 201 18.01 20.83 23.42
CA ALA B 201 17.86 19.41 23.74
C ALA B 201 19.23 18.76 24.07
N MET B 202 20.31 19.12 23.31
CA MET B 202 21.68 18.65 23.47
C MET B 202 22.18 18.91 24.90
N ALA B 203 21.90 20.13 25.40
CA ALA B 203 22.25 20.61 26.73
C ALA B 203 21.67 19.74 27.85
N ASP B 204 20.44 19.18 27.64
CA ASP B 204 19.75 18.39 28.67
C ASP B 204 19.65 16.87 28.41
N LEU B 205 20.51 16.30 27.50
CA LEU B 205 20.54 14.84 27.20
C LEU B 205 21.03 14.00 28.39
N HIS B 206 21.90 14.59 29.22
CA HIS B 206 22.50 13.98 30.42
C HIS B 206 21.47 13.58 31.50
N THR B 207 20.21 14.03 31.37
CA THR B 207 19.12 13.76 32.33
C THR B 207 18.05 12.74 31.81
N LEU B 208 18.36 11.95 30.76
CA LEU B 208 17.39 11.01 30.17
C LEU B 208 17.71 9.53 30.36
N SER B 209 16.64 8.71 30.56
CA SER B 209 16.73 7.26 30.69
C SER B 209 16.97 6.66 29.30
N GLU B 210 17.54 5.44 29.21
CA GLU B 210 17.88 4.76 27.94
C GLU B 210 16.83 4.96 26.82
N ASP B 211 15.54 4.71 27.12
CA ASP B 211 14.41 4.81 26.20
C ASP B 211 14.17 6.23 25.68
N SER B 212 14.14 7.22 26.60
CA SER B 212 13.93 8.64 26.31
C SER B 212 15.07 9.24 25.50
N TYR B 213 16.31 8.84 25.82
CA TYR B 213 17.50 9.26 25.10
C TYR B 213 17.39 8.80 23.62
N LYS B 214 16.98 7.52 23.40
CA LYS B 214 16.83 6.99 22.06
C LYS B 214 15.75 7.71 21.26
N ASP B 215 14.60 8.01 21.89
CA ASP B 215 13.46 8.70 21.26
C ASP B 215 13.79 10.14 20.87
N SER B 216 14.59 10.84 21.70
CA SER B 216 15.00 12.22 21.47
C SER B 216 16.13 12.36 20.45
N THR B 217 17.18 11.52 20.54
CA THR B 217 18.34 11.57 19.64
C THR B 217 17.96 11.13 18.20
N LEU B 218 16.84 10.40 18.04
CA LEU B 218 16.33 9.99 16.73
C LEU B 218 15.88 11.23 15.92
N ILE B 219 15.07 12.13 16.53
CA ILE B 219 14.54 13.39 15.97
C ILE B 219 15.61 14.44 15.87
N MET B 220 16.57 14.45 16.82
CA MET B 220 17.69 15.38 16.86
C MET B 220 18.59 15.13 15.65
N GLN B 221 18.72 13.86 15.24
CA GLN B 221 19.51 13.42 14.08
C GLN B 221 18.87 13.94 12.77
N LEU B 222 17.53 13.99 12.72
CA LEU B 222 16.74 14.49 11.58
C LEU B 222 16.85 16.01 11.48
N LEU B 223 16.96 16.70 12.66
CA LEU B 223 17.14 18.16 12.75
C LEU B 223 18.47 18.51 12.12
N ARG B 224 19.58 17.87 12.57
CA ARG B 224 20.93 18.08 12.08
C ARG B 224 21.14 17.63 10.64
N ASP B 225 20.40 16.60 10.18
CA ASP B 225 20.45 16.12 8.79
C ASP B 225 19.95 17.18 7.83
N ASN B 226 18.80 17.81 8.17
CA ASN B 226 18.19 18.90 7.44
C ASN B 226 19.12 20.09 7.46
N LEU B 227 19.76 20.35 8.63
CA LEU B 227 20.72 21.46 8.75
C LEU B 227 21.86 21.30 7.74
N THR B 228 22.38 20.07 7.57
CA THR B 228 23.45 19.68 6.63
C THR B 228 23.00 19.94 5.16
N LEU B 229 21.74 19.64 4.88
CA LEU B 229 21.11 19.79 3.58
C LEU B 229 20.83 21.25 3.25
N TRP B 230 20.36 22.03 4.22
CA TRP B 230 20.02 23.42 4.00
C TRP B 230 21.22 24.39 4.03
N THR B 231 22.37 23.97 4.62
CA THR B 231 23.59 24.79 4.71
C THR B 231 24.75 24.29 3.80
N ARG C 3 16.91 14.53 -0.11
CA ARG C 3 15.56 14.65 0.42
C ARG C 3 15.56 14.84 1.95
N ARG C 4 14.81 15.85 2.39
CA ARG C 4 14.65 16.29 3.77
C ARG C 4 13.80 15.30 4.59
N ALA C 5 13.89 15.41 5.91
CA ALA C 5 13.15 14.58 6.83
C ALA C 5 12.18 15.42 7.66
N ALA C 7 9.30 14.90 11.11
CA ALA C 7 9.08 14.07 12.33
C ALA C 7 8.58 12.64 12.00
N PRO C 8 9.21 11.60 12.60
CA PRO C 8 8.77 10.24 12.29
C PRO C 8 7.45 9.83 12.95
N LEU C 9 6.96 8.62 12.64
CA LEU C 9 5.73 8.10 13.22
C LEU C 9 5.92 7.72 14.70
N PRO C 10 4.95 8.09 15.58
CA PRO C 10 5.07 7.70 17.01
C PRO C 10 4.88 6.21 17.28
N ARG D 3 9.13 -20.23 2.69
CA ARG D 3 7.96 -19.85 1.90
C ARG D 3 8.20 -20.03 0.39
N ARG D 4 7.23 -20.69 -0.27
CA ARG D 4 7.20 -21.01 -1.70
C ARG D 4 7.00 -19.77 -2.58
N ALA D 5 7.31 -19.93 -3.87
CA ALA D 5 7.18 -18.86 -4.84
C ALA D 5 6.16 -19.24 -5.91
N ALA D 7 4.51 -17.62 -9.79
CA ALA D 7 4.92 -16.80 -10.94
C ALA D 7 5.01 -15.29 -10.63
N PRO D 8 6.12 -14.61 -11.01
CA PRO D 8 6.23 -13.17 -10.71
C PRO D 8 5.37 -12.29 -11.63
N LEU D 9 5.38 -10.97 -11.39
CA LEU D 9 4.63 -10.02 -12.20
C LEU D 9 5.25 -9.84 -13.61
N PRO D 10 4.41 -9.82 -14.68
CA PRO D 10 4.94 -9.63 -16.04
C PRO D 10 5.49 -8.23 -16.33
#